data_7EM8
#
_entry.id   7EM8
#
_cell.length_a   109.487
_cell.length_b   184.854
_cell.length_c   106.735
_cell.angle_alpha   90.000
_cell.angle_beta   90.000
_cell.angle_gamma   90.000
#
_symmetry.space_group_name_H-M   'C 2 2 21'
#
loop_
_entity.id
_entity.type
_entity.pdbx_description
1 polymer 'Phosphatidylinositol 5-phosphate 4-kinase type-2 beta'
2 non-polymer '[(2~{R},3~{S},4~{R},5~{R})-5-[2,6-bis(azanyl)purin-9-yl]-3,4-bis(oxidanyl)oxolan-2-yl]methyl phosphono hydrogen phosphate'
3 non-polymer '[[(2~{R},3~{S},4~{R},5~{R})-5-[2,6-bis(azanyl)purin-9-yl]-3,4-bis(oxidanyl)oxolan-2-yl]methoxy-oxidanyl-phosphoryl] phosphono hydrogen phosphate'
#
_entity_poly.entity_id   1
_entity_poly.type   'polypeptide(L)'
_entity_poly.pdbx_seq_one_letter_code
;GPNCAPGQKVKLFRASEPILSVLMWGVNHTINELSNVPVPVMLMPDDFKAYSKIKVDNHLFNKENLPSRFKFKEYCPMVF
RNLRERFGIDDQDYQNSVTRSAPINSDSQGRCGTRFLTTYDRRFVIKTVSSEDVAEMHNILKKYHQFIVECHGNTLLPQF
LGMYRLTVDGVETYMVVMRNVFSHRLTVHRKYDLKGSTVAREASDKEKAKDLPTFKDNDFLNEGQKLHVGEESKKNFLEK
LKRDVEFLAQLKIMDYSLLVGIHDVDRAEQEEMEVEERAEDEECENDGVGGNLLCSYGTPPDSPGNLLSFPRFFGPGEFD
PSVDVYAMKSHESSPKKEVYFMAIIDILTPYDTKKKAAHAAKTVKHGAGAEISTVNPEQYSKRFNEFMSNILT
;
_entity_poly.pdbx_strand_id   A,B
#
# COMPACT_ATOMS: atom_id res chain seq x y z
N LYS A 9 -1.42 -14.24 -4.57
CA LYS A 9 -1.90 -12.86 -4.65
C LYS A 9 -0.69 -11.92 -4.68
N VAL A 10 0.48 -12.52 -4.45
CA VAL A 10 1.69 -11.76 -4.20
C VAL A 10 2.13 -10.99 -5.44
N LYS A 11 2.32 -9.69 -5.28
CA LYS A 11 2.92 -8.86 -6.32
C LYS A 11 4.42 -8.72 -6.05
N LEU A 12 5.25 -9.18 -7.00
CA LEU A 12 6.70 -9.13 -6.86
C LEU A 12 7.35 -7.92 -7.50
N PHE A 13 6.68 -7.27 -8.45
CA PHE A 13 7.23 -6.12 -9.19
C PHE A 13 8.53 -6.48 -9.91
N ARG A 14 8.60 -7.69 -10.48
CA ARG A 14 9.78 -8.10 -11.24
C ARG A 14 9.74 -7.47 -12.63
N ALA A 15 10.81 -6.78 -13.00
CA ALA A 15 10.84 -6.13 -14.30
C ALA A 15 12.25 -6.23 -14.86
N SER A 16 12.35 -6.00 -16.17
CA SER A 16 13.65 -6.07 -16.82
C SER A 16 14.57 -4.98 -16.30
N GLU A 17 14.02 -3.84 -15.89
CA GLU A 17 14.82 -2.79 -15.29
C GLU A 17 14.22 -2.27 -14.00
N PRO A 18 15.07 -1.75 -13.12
CA PRO A 18 14.57 -1.20 -11.86
C PRO A 18 13.57 -0.08 -12.04
N ILE A 19 13.64 0.71 -13.11
CA ILE A 19 12.66 1.79 -13.23
C ILE A 19 11.26 1.23 -13.38
N LEU A 20 11.09 0.14 -14.13
CA LEU A 20 9.75 -0.42 -14.28
C LEU A 20 9.27 -1.07 -12.99
N SER A 21 10.19 -1.70 -12.24
CA SER A 21 9.83 -2.20 -10.92
C SER A 21 9.34 -1.07 -10.04
N VAL A 22 10.01 0.09 -10.11
CA VAL A 22 9.51 1.21 -9.32
C VAL A 22 8.20 1.71 -9.90
N LEU A 23 8.08 1.73 -11.20
CA LEU A 23 6.81 2.14 -11.79
C LEU A 23 5.66 1.31 -11.24
N MET A 24 5.84 -0.01 -11.20
CA MET A 24 4.75 -0.87 -10.76
C MET A 24 4.49 -0.66 -9.27
N TRP A 25 5.55 -0.65 -8.47
CA TRP A 25 5.40 -0.40 -7.05
C TRP A 25 4.63 0.89 -6.81
N GLY A 26 4.96 1.94 -7.55
CA GLY A 26 4.38 3.24 -7.30
C GLY A 26 2.93 3.31 -7.73
N VAL A 27 2.59 2.73 -8.88
CA VAL A 27 1.18 2.74 -9.26
C VAL A 27 0.36 1.93 -8.27
N ASN A 28 0.89 0.77 -7.86
CA ASN A 28 0.28 0.02 -6.76
C ASN A 28 0.08 0.88 -5.52
N HIS A 29 1.15 1.54 -5.06
CA HIS A 29 1.07 2.27 -3.80
C HIS A 29 0.07 3.41 -3.89
N THR A 30 0.16 4.20 -4.96
CA THR A 30 -0.70 5.36 -5.10
C THR A 30 -2.15 4.97 -5.28
N ILE A 31 -2.44 3.88 -6.02
CA ILE A 31 -3.85 3.48 -6.17
C ILE A 31 -4.39 2.96 -4.84
N ASN A 32 -3.57 2.23 -4.06
CA ASN A 32 -4.02 1.80 -2.74
C ASN A 32 -4.26 2.98 -1.83
N GLU A 33 -3.26 3.86 -1.70
CA GLU A 33 -3.45 5.06 -0.89
C GLU A 33 -4.73 5.78 -1.33
N LEU A 34 -4.91 5.93 -2.63
CA LEU A 34 -6.11 6.61 -3.12
C LEU A 34 -7.37 5.89 -2.65
N SER A 35 -7.31 4.58 -2.49
CA SER A 35 -8.52 3.85 -2.09
C SER A 35 -9.03 4.24 -0.69
N ASN A 36 -8.22 4.90 0.12
CA ASN A 36 -8.64 5.37 1.43
C ASN A 36 -9.10 6.81 1.42
N VAL A 37 -9.00 7.47 0.27
CA VAL A 37 -9.33 8.88 0.13
C VAL A 37 -10.74 8.97 -0.44
N PRO A 38 -11.70 9.55 0.28
CA PRO A 38 -13.05 9.73 -0.27
C PRO A 38 -13.02 10.36 -1.67
N VAL A 39 -14.06 10.07 -2.44
CA VAL A 39 -14.25 10.67 -3.76
C VAL A 39 -15.05 11.94 -3.58
N PRO A 40 -14.52 13.10 -3.98
CA PRO A 40 -15.22 14.36 -3.70
C PRO A 40 -16.43 14.59 -4.59
N VAL A 41 -17.35 15.42 -4.07
CA VAL A 41 -18.52 15.83 -4.85
C VAL A 41 -18.06 16.54 -6.12
N MET A 42 -17.00 17.32 -6.00
CA MET A 42 -16.43 18.03 -7.13
C MET A 42 -14.97 18.22 -6.81
N LEU A 43 -14.18 18.53 -7.82
CA LEU A 43 -12.80 18.84 -7.52
C LEU A 43 -12.69 20.28 -7.06
N MET A 44 -11.68 20.54 -6.24
CA MET A 44 -11.36 21.89 -5.79
C MET A 44 -10.11 22.34 -6.51
N PRO A 45 -9.85 23.66 -6.60
CA PRO A 45 -8.64 24.12 -7.29
C PRO A 45 -7.34 23.59 -6.74
N ASP A 46 -7.24 23.37 -5.41
CA ASP A 46 -6.01 22.82 -4.84
C ASP A 46 -5.68 21.46 -5.43
N ASP A 47 -6.69 20.74 -5.90
CA ASP A 47 -6.39 19.44 -6.50
C ASP A 47 -5.59 19.56 -7.78
N PHE A 48 -5.54 20.75 -8.41
CA PHE A 48 -4.79 20.98 -9.63
C PHE A 48 -3.39 21.49 -9.38
N LYS A 49 -3.07 21.78 -8.12
CA LYS A 49 -1.75 22.21 -7.72
C LYS A 49 -1.10 21.19 -6.82
N ALA A 50 -1.78 20.09 -6.53
CA ALA A 50 -1.40 19.14 -5.50
C ALA A 50 -0.47 18.05 -6.05
N TYR A 51 0.15 17.30 -5.14
CA TYR A 51 1.01 16.18 -5.49
C TYR A 51 1.22 15.28 -4.29
N SER A 52 1.54 14.01 -4.58
CA SER A 52 1.95 13.05 -3.57
C SER A 52 3.39 12.63 -3.82
N LYS A 53 4.17 12.52 -2.74
CA LYS A 53 5.59 12.20 -2.83
C LYS A 53 5.91 11.18 -1.74
N ILE A 54 6.61 10.09 -2.11
CA ILE A 54 7.11 9.13 -1.14
C ILE A 54 8.57 8.84 -1.44
N LYS A 55 9.36 8.66 -0.39
CA LYS A 55 10.78 8.37 -0.48
C LYS A 55 11.06 7.13 0.33
N VAL A 56 11.68 6.11 -0.29
CA VAL A 56 11.85 4.79 0.30
C VAL A 56 13.33 4.52 0.46
N ASP A 57 13.74 4.23 1.70
CA ASP A 57 15.11 3.84 2.03
C ASP A 57 15.03 2.53 2.81
N ASN A 58 14.97 1.42 2.09
CA ASN A 58 15.07 0.12 2.72
C ASN A 58 16.53 -0.23 2.91
N HIS A 59 16.76 -1.20 3.77
CA HIS A 59 18.12 -1.62 4.06
C HIS A 59 18.08 -3.09 4.39
N LEU A 60 18.77 -3.91 3.57
CA LEU A 60 18.83 -5.35 3.79
C LEU A 60 17.44 -5.94 3.82
N PHE A 61 16.55 -5.35 3.03
CA PHE A 61 15.14 -5.64 3.14
C PHE A 61 14.48 -5.40 1.80
N ASN A 62 13.74 -6.41 1.34
CA ASN A 62 12.85 -6.29 0.20
C ASN A 62 13.62 -5.85 -1.04
N LYS A 63 14.84 -6.40 -1.20
CA LYS A 63 15.80 -5.99 -2.23
C LYS A 63 15.77 -6.87 -3.48
N GLU A 64 14.94 -7.90 -3.52
CA GLU A 64 14.98 -8.85 -4.63
C GLU A 64 14.72 -8.17 -5.95
N ASN A 65 13.73 -7.29 -6.01
CA ASN A 65 13.37 -6.64 -7.26
C ASN A 65 13.35 -5.14 -7.20
N LEU A 66 13.18 -4.54 -6.04
CA LEU A 66 13.17 -3.10 -6.02
C LEU A 66 14.54 -2.58 -5.56
N PRO A 67 14.92 -1.38 -6.00
CA PRO A 67 16.08 -0.73 -5.39
C PRO A 67 15.86 -0.59 -3.90
N SER A 68 16.95 -0.52 -3.14
CA SER A 68 16.76 -0.24 -1.74
C SER A 68 16.33 1.20 -1.54
N ARG A 69 16.69 2.08 -2.48
CA ARG A 69 16.46 3.52 -2.37
C ARG A 69 15.79 4.02 -3.65
N PHE A 70 14.62 4.67 -3.52
CA PHE A 70 13.98 5.31 -4.67
C PHE A 70 12.88 6.26 -4.22
N LYS A 71 12.48 7.17 -5.13
CA LYS A 71 11.39 8.11 -4.85
C LYS A 71 10.29 8.04 -5.91
N PHE A 72 9.02 8.24 -5.51
CA PHE A 72 7.89 8.25 -6.44
C PHE A 72 6.95 9.42 -6.16
N LYS A 73 6.64 10.21 -7.20
CA LYS A 73 5.80 11.42 -7.11
C LYS A 73 4.65 11.34 -8.11
N GLU A 74 3.45 11.63 -7.64
CA GLU A 74 2.25 11.60 -8.49
C GLU A 74 1.63 12.98 -8.58
N TYR A 75 1.34 13.42 -9.80
CA TYR A 75 0.78 14.75 -10.00
C TYR A 75 -0.74 14.77 -9.98
N CYS A 76 -1.30 15.79 -9.32
CA CYS A 76 -2.73 16.03 -9.29
C CYS A 76 -3.54 14.73 -9.18
N PRO A 77 -3.26 13.88 -8.17
CA PRO A 77 -3.86 12.56 -8.15
C PRO A 77 -5.38 12.56 -8.14
N MET A 78 -6.03 13.49 -7.41
CA MET A 78 -7.48 13.56 -7.42
C MET A 78 -8.00 13.77 -8.82
N VAL A 79 -7.31 14.63 -9.58
CA VAL A 79 -7.71 14.94 -10.95
C VAL A 79 -7.60 13.71 -11.84
N PHE A 80 -6.45 13.04 -11.85
CA PHE A 80 -6.34 11.89 -12.74
C PHE A 80 -7.25 10.76 -12.31
N ARG A 81 -7.58 10.68 -11.02
CA ARG A 81 -8.56 9.69 -10.61
C ARG A 81 -9.92 10.03 -11.20
N ASN A 82 -10.26 11.30 -11.20
CA ASN A 82 -11.54 11.68 -11.78
C ASN A 82 -11.54 11.41 -13.29
N LEU A 83 -10.43 11.74 -13.95
CA LEU A 83 -10.27 11.44 -15.37
C LEU A 83 -10.44 9.94 -15.63
N ARG A 84 -9.79 9.12 -14.79
CA ARG A 84 -9.98 7.68 -14.87
C ARG A 84 -11.45 7.34 -14.86
N GLU A 85 -12.19 7.93 -13.93
CA GLU A 85 -13.61 7.64 -13.89
C GLU A 85 -14.30 8.09 -15.18
N ARG A 86 -14.05 9.32 -15.60
CA ARG A 86 -14.77 9.90 -16.72
C ARG A 86 -14.43 9.22 -18.03
N PHE A 87 -13.33 8.49 -18.08
CA PHE A 87 -13.02 7.63 -19.22
C PHE A 87 -13.54 6.22 -19.04
N GLY A 88 -14.31 5.95 -18.00
CA GLY A 88 -14.87 4.64 -17.79
C GLY A 88 -13.89 3.59 -17.32
N ILE A 89 -12.78 3.98 -16.72
CA ILE A 89 -11.73 3.06 -16.30
C ILE A 89 -11.75 2.93 -14.79
N ASP A 90 -11.91 1.70 -14.33
CA ASP A 90 -11.88 1.41 -12.92
C ASP A 90 -10.45 1.48 -12.39
N ASP A 91 -10.31 1.95 -11.16
CA ASP A 91 -8.98 2.12 -10.56
C ASP A 91 -8.31 0.78 -10.32
N GLN A 92 -9.09 -0.23 -9.91
CA GLN A 92 -8.56 -1.58 -9.73
C GLN A 92 -8.07 -2.17 -11.04
N ASP A 93 -8.81 -1.94 -12.13
CA ASP A 93 -8.32 -2.33 -13.44
C ASP A 93 -6.99 -1.65 -13.74
N TYR A 94 -6.92 -0.35 -13.46
CA TYR A 94 -5.73 0.42 -13.74
C TYR A 94 -4.51 -0.18 -13.05
N GLN A 95 -4.63 -0.38 -11.74
CA GLN A 95 -3.48 -0.88 -11.00
C GLN A 95 -3.12 -2.28 -11.48
N ASN A 96 -4.13 -3.10 -11.83
CA ASN A 96 -3.83 -4.47 -12.22
C ASN A 96 -3.13 -4.54 -13.58
N SER A 97 -3.56 -3.74 -14.54
CA SER A 97 -2.89 -3.75 -15.85
C SER A 97 -1.45 -3.31 -15.71
N VAL A 98 -1.18 -2.39 -14.78
CA VAL A 98 0.21 -1.95 -14.61
C VAL A 98 1.02 -2.90 -13.75
N THR A 99 0.39 -3.62 -12.79
CA THR A 99 1.20 -4.32 -11.80
C THR A 99 1.07 -5.85 -11.78
N ARG A 100 0.15 -6.47 -12.50
CA ARG A 100 0.12 -7.93 -12.48
C ARG A 100 1.39 -8.49 -13.07
N SER A 101 1.99 -7.78 -14.02
CA SER A 101 3.12 -8.21 -14.82
C SER A 101 3.76 -6.98 -15.44
N ALA A 102 5.09 -7.03 -15.58
CA ALA A 102 5.81 -5.85 -16.03
C ALA A 102 5.33 -5.42 -17.40
N PRO A 103 5.18 -4.11 -17.63
CA PRO A 103 4.92 -3.62 -18.99
C PRO A 103 6.11 -3.92 -19.90
N ILE A 104 5.84 -3.85 -21.20
CA ILE A 104 6.82 -4.16 -22.25
C ILE A 104 6.78 -3.01 -23.25
N ASN A 105 7.67 -3.04 -24.23
CA ASN A 105 7.58 -1.96 -25.24
C ASN A 105 7.44 -2.45 -26.68
N ARG A 115 11.67 6.43 -23.12
CA ARG A 115 11.07 5.15 -23.50
C ARG A 115 9.56 5.21 -23.62
N PHE A 116 9.04 4.17 -24.26
CA PHE A 116 7.63 4.05 -24.58
C PHE A 116 7.26 2.59 -24.45
N LEU A 117 6.30 2.29 -23.60
CA LEU A 117 5.96 0.92 -23.30
C LEU A 117 4.44 0.76 -23.13
N THR A 118 3.97 -0.49 -23.15
CA THR A 118 2.56 -0.79 -22.89
C THR A 118 2.43 -1.87 -21.83
N THR A 119 1.36 -1.77 -21.05
CA THR A 119 1.04 -2.78 -20.05
C THR A 119 0.92 -4.15 -20.69
N TYR A 120 1.19 -5.19 -19.88
CA TYR A 120 1.16 -6.58 -20.36
C TYR A 120 -0.13 -6.91 -21.08
N ASP A 121 -1.26 -6.38 -20.60
CA ASP A 121 -2.56 -6.70 -21.14
C ASP A 121 -2.96 -5.79 -22.27
N ARG A 122 -2.03 -4.96 -22.75
CA ARG A 122 -2.21 -4.16 -23.95
C ARG A 122 -3.30 -3.12 -23.78
N ARG A 123 -3.74 -2.87 -22.56
CA ARG A 123 -4.82 -1.89 -22.42
C ARG A 123 -4.30 -0.47 -22.37
N PHE A 124 -3.17 -0.22 -21.69
CA PHE A 124 -2.68 1.14 -21.44
C PHE A 124 -1.23 1.30 -21.89
N VAL A 125 -0.89 2.55 -22.18
CA VAL A 125 0.40 2.98 -22.71
C VAL A 125 1.08 3.96 -21.76
N ILE A 126 2.40 3.86 -21.64
CA ILE A 126 3.19 4.72 -20.76
C ILE A 126 4.34 5.32 -21.54
N LYS A 127 4.41 6.66 -21.57
CA LYS A 127 5.44 7.37 -22.31
C LYS A 127 6.28 8.17 -21.33
N THR A 128 7.60 8.09 -21.46
CA THR A 128 8.42 9.05 -20.75
C THR A 128 8.28 10.40 -21.43
N VAL A 129 8.30 11.44 -20.62
CA VAL A 129 8.14 12.81 -21.08
C VAL A 129 9.18 13.65 -20.37
N SER A 130 9.30 14.89 -20.82
CA SER A 130 10.22 15.87 -20.27
C SER A 130 9.58 16.60 -19.11
N SER A 131 10.42 17.27 -18.32
CA SER A 131 9.91 18.19 -17.31
C SER A 131 8.96 19.22 -17.91
N GLU A 132 9.35 19.81 -19.04
CA GLU A 132 8.49 20.78 -19.69
C GLU A 132 7.15 20.16 -20.05
N ASP A 133 7.14 18.93 -20.57
CA ASP A 133 5.86 18.32 -20.87
C ASP A 133 4.98 18.31 -19.63
N VAL A 134 5.56 18.04 -18.47
CA VAL A 134 4.81 17.99 -17.23
C VAL A 134 4.27 19.37 -16.88
N ALA A 135 5.12 20.39 -17.00
CA ALA A 135 4.62 21.75 -16.80
C ALA A 135 3.47 22.05 -17.75
N GLU A 136 3.55 21.61 -19.00
CA GLU A 136 2.52 21.96 -19.97
C GLU A 136 1.23 21.26 -19.66
N MET A 137 1.34 19.97 -19.31
CA MET A 137 0.19 19.24 -18.82
C MET A 137 -0.45 19.97 -17.65
N HIS A 138 0.37 20.56 -16.79
CA HIS A 138 -0.17 21.28 -15.65
C HIS A 138 -0.92 22.53 -16.11
N ASN A 139 -0.30 23.31 -16.99
CA ASN A 139 -0.94 24.54 -17.42
C ASN A 139 -2.25 24.26 -18.15
N ILE A 140 -2.36 23.12 -18.82
CA ILE A 140 -3.56 22.86 -19.59
C ILE A 140 -4.58 21.99 -18.85
N LEU A 141 -4.23 21.46 -17.68
CA LEU A 141 -5.04 20.39 -17.08
C LEU A 141 -6.45 20.85 -16.73
N LYS A 142 -6.61 22.07 -16.21
CA LYS A 142 -7.96 22.53 -15.85
C LYS A 142 -8.88 22.59 -17.07
N LYS A 143 -8.41 23.20 -18.15
CA LYS A 143 -9.27 23.28 -19.33
C LYS A 143 -9.45 21.90 -19.97
N TYR A 144 -8.45 21.01 -19.83
CA TYR A 144 -8.62 19.68 -20.42
C TYR A 144 -9.65 18.87 -19.64
N HIS A 145 -9.62 18.95 -18.31
CA HIS A 145 -10.64 18.28 -17.51
C HIS A 145 -12.02 18.83 -17.83
N GLN A 146 -12.13 20.16 -17.96
CA GLN A 146 -13.41 20.74 -18.33
C GLN A 146 -13.87 20.22 -19.68
N PHE A 147 -12.95 20.06 -20.61
CA PHE A 147 -13.35 19.56 -21.93
C PHE A 147 -13.81 18.11 -21.85
N ILE A 148 -13.06 17.26 -21.12
CA ILE A 148 -13.42 15.86 -20.95
C ILE A 148 -14.82 15.74 -20.35
N VAL A 149 -15.11 16.56 -19.34
CA VAL A 149 -16.41 16.40 -18.71
C VAL A 149 -17.52 16.92 -19.63
N GLU A 150 -17.25 17.97 -20.41
CA GLU A 150 -18.31 18.51 -21.27
C GLU A 150 -18.64 17.55 -22.39
N CYS A 151 -17.70 16.70 -22.80
CA CYS A 151 -17.95 15.72 -23.85
C CYS A 151 -18.14 14.31 -23.32
N HIS A 152 -18.42 14.16 -22.02
CA HIS A 152 -18.76 12.86 -21.43
C HIS A 152 -17.74 11.80 -21.78
N GLY A 153 -16.48 12.20 -21.87
CA GLY A 153 -15.41 11.27 -22.11
C GLY A 153 -15.23 10.80 -23.54
N ASN A 154 -16.00 11.31 -24.49
CA ASN A 154 -15.95 10.85 -25.89
C ASN A 154 -15.12 11.83 -26.72
N THR A 155 -13.86 11.48 -26.95
CA THR A 155 -12.92 12.39 -27.61
C THR A 155 -11.84 11.58 -28.32
N LEU A 156 -11.29 12.16 -29.41
CA LEU A 156 -10.16 11.55 -30.08
C LEU A 156 -8.81 11.99 -29.51
N LEU A 157 -8.81 12.87 -28.51
CA LEU A 157 -7.60 13.34 -27.89
C LEU A 157 -6.99 12.21 -27.08
N PRO A 158 -5.72 12.35 -26.66
CA PRO A 158 -5.18 11.43 -25.66
C PRO A 158 -6.07 11.47 -24.43
N GLN A 159 -6.17 10.33 -23.75
CA GLN A 159 -6.95 10.23 -22.53
C GLN A 159 -5.95 9.94 -21.42
N PHE A 160 -5.56 10.99 -20.70
CA PHE A 160 -4.54 10.87 -19.67
C PHE A 160 -5.11 10.27 -18.39
N LEU A 161 -4.49 9.21 -17.89
CA LEU A 161 -4.98 8.54 -16.69
C LEU A 161 -4.07 8.73 -15.48
N GLY A 162 -2.85 9.18 -15.68
CA GLY A 162 -1.96 9.48 -14.59
C GLY A 162 -0.64 10.03 -15.05
N MET A 163 -0.03 10.88 -14.23
CA MET A 163 1.28 11.46 -14.50
C MET A 163 2.16 11.28 -13.27
N TYR A 164 3.38 10.75 -13.47
CA TYR A 164 4.27 10.32 -12.39
C TYR A 164 5.69 10.79 -12.64
N ARG A 165 6.45 10.93 -11.56
CA ARG A 165 7.89 11.20 -11.61
C ARG A 165 8.63 10.18 -10.76
N LEU A 166 9.53 9.43 -11.40
CA LEU A 166 10.31 8.39 -10.73
C LEU A 166 11.75 8.86 -10.54
N THR A 167 12.32 8.59 -9.37
CA THR A 167 13.74 8.81 -9.14
C THR A 167 14.35 7.48 -8.72
N VAL A 168 15.28 6.99 -9.55
CA VAL A 168 16.05 5.78 -9.27
C VAL A 168 17.49 5.97 -9.75
N ASP A 169 18.45 5.77 -8.84
CA ASP A 169 19.84 6.20 -9.00
C ASP A 169 19.91 7.72 -9.15
N GLY A 170 19.20 8.42 -8.27
CA GLY A 170 19.21 9.87 -8.27
C GLY A 170 18.77 10.54 -9.55
N VAL A 171 18.24 9.77 -10.49
CA VAL A 171 17.80 10.29 -11.79
C VAL A 171 16.29 10.36 -11.85
N GLU A 172 15.78 11.53 -12.24
CA GLU A 172 14.34 11.72 -12.40
C GLU A 172 13.90 11.32 -13.80
N THR A 173 12.77 10.64 -13.87
CA THR A 173 12.19 10.15 -15.12
C THR A 173 10.71 10.46 -15.03
N TYR A 174 10.21 11.28 -15.96
CA TYR A 174 8.81 11.67 -15.93
C TYR A 174 8.02 10.76 -16.86
N MET A 175 6.83 10.32 -16.44
CA MET A 175 6.05 9.39 -17.25
C MET A 175 4.57 9.75 -17.23
N VAL A 176 3.92 9.59 -18.37
CA VAL A 176 2.50 9.84 -18.54
C VAL A 176 1.86 8.53 -18.96
N VAL A 177 0.83 8.09 -18.23
CA VAL A 177 0.03 6.92 -18.57
C VAL A 177 -1.23 7.37 -19.31
N MET A 178 -1.53 6.74 -20.45
CA MET A 178 -2.76 7.06 -21.17
C MET A 178 -3.34 5.83 -21.85
N ARG A 179 -4.56 5.97 -22.34
CA ARG A 179 -5.20 4.84 -23.01
C ARG A 179 -4.60 4.60 -24.39
N ASN A 180 -4.45 3.32 -24.74
CA ASN A 180 -3.90 2.89 -26.02
C ASN A 180 -4.86 3.27 -27.14
N VAL A 181 -4.31 3.76 -28.25
CA VAL A 181 -5.17 4.04 -29.40
C VAL A 181 -5.66 2.74 -30.01
N PHE A 182 -4.79 1.74 -30.05
CA PHE A 182 -5.10 0.48 -30.68
C PHE A 182 -5.86 -0.44 -29.74
N SER A 183 -6.47 -1.47 -30.32
CA SER A 183 -7.21 -2.42 -29.54
C SER A 183 -6.26 -3.29 -28.74
N HIS A 184 -6.69 -3.69 -27.54
CA HIS A 184 -5.90 -4.61 -26.75
C HIS A 184 -5.99 -6.04 -27.22
N ARG A 185 -6.82 -6.31 -28.22
CA ARG A 185 -6.95 -7.67 -28.73
C ARG A 185 -6.84 -7.77 -30.24
N LEU A 186 -7.08 -6.70 -30.99
CA LEU A 186 -7.06 -6.77 -32.44
C LEU A 186 -5.70 -6.30 -32.92
N THR A 187 -5.04 -7.12 -33.73
CA THR A 187 -3.70 -6.81 -34.18
C THR A 187 -3.72 -5.66 -35.19
N VAL A 188 -2.81 -4.71 -35.03
CA VAL A 188 -2.70 -3.58 -35.95
C VAL A 188 -1.72 -3.97 -37.04
N HIS A 189 -2.21 -4.01 -38.27
CA HIS A 189 -1.39 -4.47 -39.38
C HIS A 189 -0.65 -3.34 -40.07
N ARG A 190 -1.22 -2.15 -40.18
CA ARG A 190 -0.42 -1.06 -40.74
C ARG A 190 -0.78 0.24 -40.03
N LYS A 191 0.18 1.17 -39.97
CA LYS A 191 -0.14 2.38 -39.22
C LYS A 191 0.55 3.60 -39.84
N TYR A 192 -0.11 4.76 -39.67
CA TYR A 192 0.36 6.06 -40.14
C TYR A 192 0.24 7.16 -39.09
N ASP A 193 1.06 8.21 -39.30
CA ASP A 193 1.13 9.44 -38.50
C ASP A 193 0.88 10.63 -39.44
N LEU A 194 -0.32 11.21 -39.38
CA LEU A 194 -0.79 12.22 -40.32
C LEU A 194 -0.89 13.60 -39.69
N LYS A 195 -0.54 14.63 -40.45
CA LYS A 195 -0.67 15.99 -39.94
C LYS A 195 -1.48 16.84 -40.92
N VAL A 199 3.29 21.38 -46.63
CA VAL A 199 4.58 20.70 -46.53
C VAL A 199 4.43 19.22 -46.88
N ALA A 200 5.42 18.40 -46.55
CA ALA A 200 5.39 16.99 -46.92
C ALA A 200 6.40 16.18 -46.09
N ARG A 201 5.93 15.06 -45.52
CA ARG A 201 6.73 14.18 -44.69
C ARG A 201 6.47 12.72 -45.07
N GLU A 202 7.50 11.88 -44.95
CA GLU A 202 7.38 10.48 -45.33
C GLU A 202 8.26 9.64 -44.41
N ALA A 203 8.10 8.32 -44.51
CA ALA A 203 8.82 7.40 -43.65
C ALA A 203 10.16 7.07 -44.28
N SER A 204 11.19 7.03 -43.44
CA SER A 204 12.55 6.77 -43.90
C SER A 204 12.66 5.37 -44.48
N ASP A 205 13.58 5.21 -45.42
CA ASP A 205 14.01 3.87 -45.79
C ASP A 205 14.41 3.07 -44.55
N LYS A 206 14.96 3.75 -43.55
CA LYS A 206 15.18 3.11 -42.26
C LYS A 206 13.86 2.69 -41.66
N GLU A 207 12.95 3.64 -41.48
CA GLU A 207 11.63 3.30 -40.96
C GLU A 207 10.93 2.29 -41.86
N LYS A 208 10.88 2.57 -43.17
CA LYS A 208 10.08 1.77 -44.09
C LYS A 208 10.50 0.30 -44.13
N ALA A 209 11.66 -0.05 -43.61
CA ALA A 209 12.14 -1.43 -43.57
C ALA A 209 12.02 -2.03 -42.18
N LYS A 210 11.37 -1.34 -41.25
CA LYS A 210 11.24 -1.83 -39.89
C LYS A 210 10.07 -2.80 -39.80
N ASP A 211 9.83 -3.29 -38.58
CA ASP A 211 8.83 -4.34 -38.37
C ASP A 211 7.43 -3.84 -38.70
N LEU A 212 6.94 -2.85 -37.95
CA LEU A 212 5.65 -2.20 -38.21
C LEU A 212 5.96 -0.72 -38.27
N PRO A 213 6.23 -0.19 -39.45
CA PRO A 213 6.76 1.17 -39.57
C PRO A 213 5.70 2.24 -39.37
N THR A 214 6.17 3.39 -38.88
CA THR A 214 5.34 4.58 -38.69
C THR A 214 5.34 5.38 -39.99
N PHE A 215 4.43 5.02 -40.89
CA PHE A 215 4.31 5.74 -42.15
C PHE A 215 3.74 7.14 -41.93
N LYS A 216 4.36 8.15 -42.54
CA LYS A 216 3.92 9.53 -42.41
C LYS A 216 2.89 9.84 -43.51
N ASP A 217 2.54 11.12 -43.69
CA ASP A 217 1.50 11.53 -44.66
C ASP A 217 1.78 11.06 -46.08
N ASN A 218 2.95 11.43 -46.63
CA ASN A 218 3.23 11.22 -48.05
C ASN A 218 3.08 9.75 -48.45
N ASP A 219 3.59 8.82 -47.66
CA ASP A 219 3.41 7.42 -48.01
C ASP A 219 1.94 7.03 -48.02
N PHE A 220 1.11 7.70 -47.22
CA PHE A 220 -0.34 7.47 -47.26
C PHE A 220 -0.97 8.02 -48.53
N LEU A 221 -0.47 9.16 -49.01
CA LEU A 221 -1.00 9.75 -50.23
C LEU A 221 -0.53 9.00 -51.47
N ASN A 222 0.77 8.70 -51.56
CA ASN A 222 1.30 7.97 -52.72
C ASN A 222 0.74 6.56 -52.79
N GLU A 223 0.42 5.96 -51.63
CA GLU A 223 -0.18 4.63 -51.60
C GLU A 223 -1.67 4.68 -51.94
N GLY A 224 -2.36 5.74 -51.54
CA GLY A 224 -3.78 5.81 -51.80
C GLY A 224 -4.67 4.91 -50.97
N GLN A 225 -4.36 4.70 -49.69
CA GLN A 225 -5.29 3.97 -48.82
C GLN A 225 -6.45 4.87 -48.43
N LYS A 226 -7.63 4.27 -48.33
CA LYS A 226 -8.83 4.93 -47.84
C LYS A 226 -9.48 4.06 -46.78
N LEU A 227 -10.38 4.67 -46.02
CA LEU A 227 -11.05 4.03 -44.89
C LEU A 227 -12.56 4.09 -45.12
N HIS A 228 -13.17 2.92 -45.37
CA HIS A 228 -14.59 2.84 -45.65
C HIS A 228 -15.31 2.55 -44.32
N VAL A 229 -15.88 3.60 -43.73
CA VAL A 229 -16.57 3.54 -42.44
C VAL A 229 -18.06 3.80 -42.56
N GLY A 230 -18.54 4.15 -43.74
CA GLY A 230 -19.95 4.42 -43.86
C GLY A 230 -20.33 5.77 -43.27
N GLU A 231 -21.50 6.26 -43.70
CA GLU A 231 -21.86 7.65 -43.48
C GLU A 231 -21.97 7.99 -42.00
N GLU A 232 -22.73 7.22 -41.23
CA GLU A 232 -22.97 7.60 -39.84
C GLU A 232 -21.66 7.62 -39.05
N SER A 233 -20.81 6.62 -39.26
CA SER A 233 -19.54 6.59 -38.54
C SER A 233 -18.68 7.77 -38.93
N LYS A 234 -18.60 8.05 -40.24
CA LYS A 234 -17.81 9.18 -40.72
C LYS A 234 -18.30 10.48 -40.11
N LYS A 235 -19.62 10.70 -40.10
CA LYS A 235 -20.17 11.96 -39.64
C LYS A 235 -19.84 12.17 -38.18
N ASN A 236 -20.07 11.14 -37.36
CA ASN A 236 -19.77 11.30 -35.94
C ASN A 236 -18.27 11.52 -35.71
N PHE A 237 -17.44 10.85 -36.52
CA PHE A 237 -16.01 11.06 -36.38
C PHE A 237 -15.65 12.50 -36.65
N LEU A 238 -16.10 13.04 -37.80
CA LEU A 238 -15.76 14.42 -38.19
C LEU A 238 -16.30 15.45 -37.19
N GLU A 239 -17.49 15.21 -36.63
CA GLU A 239 -18.00 16.10 -35.60
C GLU A 239 -17.05 16.16 -34.41
N LYS A 240 -16.65 15.00 -33.89
CA LYS A 240 -15.79 15.06 -32.70
C LYS A 240 -14.38 15.55 -33.05
N LEU A 241 -13.88 15.25 -34.23
CA LEU A 241 -12.58 15.80 -34.62
C LEU A 241 -12.61 17.32 -34.68
N LYS A 242 -13.70 17.91 -35.20
CA LYS A 242 -13.80 19.38 -35.22
C LYS A 242 -13.82 19.94 -33.80
N ARG A 243 -14.63 19.37 -32.90
CA ARG A 243 -14.65 19.85 -31.52
C ARG A 243 -13.26 19.79 -30.90
N ASP A 244 -12.57 18.66 -31.09
CA ASP A 244 -11.27 18.45 -30.45
C ASP A 244 -10.22 19.44 -30.98
N VAL A 245 -10.12 19.59 -32.30
CA VAL A 245 -9.03 20.43 -32.79
C VAL A 245 -9.33 21.90 -32.54
N GLU A 246 -10.61 22.29 -32.49
CA GLU A 246 -10.89 23.65 -32.07
C GLU A 246 -10.51 23.86 -30.62
N PHE A 247 -10.65 22.83 -29.78
CA PHE A 247 -10.14 22.93 -28.41
C PHE A 247 -8.63 23.14 -28.37
N LEU A 248 -7.89 22.33 -29.13
CA LEU A 248 -6.43 22.46 -29.11
C LEU A 248 -5.98 23.82 -29.64
N ALA A 249 -6.67 24.33 -30.66
CA ALA A 249 -6.37 25.67 -31.14
C ALA A 249 -6.66 26.71 -30.06
N GLN A 250 -7.85 26.63 -29.44
CA GLN A 250 -8.19 27.50 -28.31
C GLN A 250 -7.19 27.36 -27.16
N LEU A 251 -6.29 26.38 -27.22
CA LEU A 251 -5.19 26.26 -26.28
C LEU A 251 -3.84 26.64 -26.90
N LYS A 252 -3.85 27.18 -28.12
CA LYS A 252 -2.63 27.58 -28.82
C LYS A 252 -1.63 26.43 -28.84
N ILE A 253 -2.11 25.25 -29.18
CA ILE A 253 -1.33 24.02 -29.23
C ILE A 253 -1.17 23.60 -30.69
N MET A 254 0.01 23.05 -31.02
CA MET A 254 0.29 22.64 -32.38
C MET A 254 1.31 21.50 -32.40
N ASP A 255 1.68 21.09 -33.61
CA ASP A 255 2.56 19.95 -33.89
C ASP A 255 1.97 18.60 -33.48
N TYR A 256 0.67 18.54 -33.23
CA TYR A 256 -0.02 17.28 -32.95
C TYR A 256 -0.37 16.53 -34.23
N SER A 257 -0.55 15.22 -34.09
CA SER A 257 -0.79 14.36 -35.23
C SER A 257 -2.08 13.57 -35.04
N LEU A 258 -2.53 12.94 -36.12
CA LEU A 258 -3.59 11.94 -36.11
C LEU A 258 -2.95 10.58 -36.33
N LEU A 259 -3.17 9.64 -35.42
CA LEU A 259 -2.60 8.31 -35.50
C LEU A 259 -3.67 7.36 -36.00
N VAL A 260 -3.29 6.52 -36.96
CA VAL A 260 -4.24 5.70 -37.69
C VAL A 260 -3.71 4.29 -37.83
N GLY A 261 -4.49 3.31 -37.41
CA GLY A 261 -4.08 1.92 -37.46
C GLY A 261 -5.14 1.04 -38.11
N ILE A 262 -4.68 0.09 -38.92
CA ILE A 262 -5.53 -0.77 -39.75
C ILE A 262 -5.37 -2.21 -39.31
N HIS A 263 -6.52 -2.91 -39.15
CA HIS A 263 -6.62 -4.34 -38.85
C HIS A 263 -7.39 -5.03 -39.96
N ASP A 264 -6.78 -6.03 -40.61
CA ASP A 264 -7.47 -6.79 -41.66
C ASP A 264 -8.09 -8.04 -41.04
N VAL A 265 -9.41 -8.03 -40.91
CA VAL A 265 -10.13 -9.13 -40.25
C VAL A 265 -9.78 -10.47 -40.89
N ASP A 266 -9.78 -10.52 -42.22
CA ASP A 266 -9.51 -11.78 -42.92
C ASP A 266 -8.12 -12.30 -42.58
N ARG A 267 -7.13 -11.40 -42.58
CA ARG A 267 -5.77 -11.78 -42.24
C ARG A 267 -5.66 -12.28 -40.80
N ALA A 268 -6.32 -11.60 -39.86
CA ALA A 268 -6.33 -12.07 -38.48
C ALA A 268 -6.89 -13.47 -38.37
N GLU A 269 -7.97 -13.75 -39.12
CA GLU A 269 -8.55 -15.09 -39.17
C GLU A 269 -7.51 -16.10 -39.61
N GLN A 270 -6.81 -15.80 -40.69
CA GLN A 270 -5.83 -16.77 -41.21
C GLN A 270 -4.69 -16.98 -40.23
N GLU A 271 -4.18 -15.91 -39.62
CA GLU A 271 -3.01 -16.07 -38.73
C GLU A 271 -3.35 -16.74 -37.41
N GLU A 272 -4.56 -16.57 -36.88
CA GLU A 272 -5.00 -17.46 -35.81
C GLU A 272 -5.02 -18.90 -36.27
N MET A 273 -5.53 -19.16 -37.49
CA MET A 273 -5.58 -20.53 -37.97
C MET A 273 -4.18 -21.12 -38.20
N GLU A 274 -3.24 -20.26 -38.61
CA GLU A 274 -1.89 -20.71 -38.93
C GLU A 274 -1.10 -21.01 -37.66
N VAL A 275 -1.34 -20.24 -36.60
CA VAL A 275 -0.77 -20.65 -35.31
C VAL A 275 -1.48 -21.89 -34.79
N GLU A 276 -2.74 -22.12 -35.21
CA GLU A 276 -3.42 -23.35 -34.85
C GLU A 276 -2.79 -24.58 -35.50
N GLU A 277 -2.28 -24.45 -36.74
CA GLU A 277 -1.61 -25.57 -37.39
C GLU A 277 -0.55 -26.19 -36.49
N ARG A 278 0.32 -25.35 -35.93
CA ARG A 278 1.36 -25.83 -35.03
C ARG A 278 0.76 -26.25 -33.70
N GLY A 315 -16.06 -12.53 -31.88
CA GLY A 315 -16.07 -12.91 -33.28
C GLY A 315 -14.90 -12.33 -34.06
N PRO A 316 -14.84 -12.59 -35.37
CA PRO A 316 -13.78 -12.01 -36.18
C PRO A 316 -14.17 -10.59 -36.59
N GLY A 317 -13.27 -9.64 -36.31
CA GLY A 317 -13.55 -8.25 -36.56
C GLY A 317 -14.58 -7.62 -35.65
N GLU A 318 -14.78 -8.19 -34.46
CA GLU A 318 -15.69 -7.69 -33.45
C GLU A 318 -14.86 -7.02 -32.36
N PHE A 319 -15.38 -5.92 -31.79
CA PHE A 319 -14.68 -5.19 -30.74
C PHE A 319 -15.67 -4.50 -29.81
N ASP A 320 -15.15 -4.07 -28.65
CA ASP A 320 -15.94 -3.47 -27.59
C ASP A 320 -15.74 -1.97 -27.59
N PRO A 321 -16.72 -1.16 -27.98
CA PRO A 321 -16.51 0.30 -27.97
C PRO A 321 -16.30 0.85 -26.58
N SER A 322 -16.71 0.14 -25.53
CA SER A 322 -16.40 0.59 -24.17
C SER A 322 -14.90 0.50 -23.89
N VAL A 323 -14.20 -0.39 -24.58
CA VAL A 323 -12.80 -0.66 -24.34
C VAL A 323 -11.92 -0.13 -25.46
N ASP A 324 -12.21 -0.50 -26.71
CA ASP A 324 -11.45 -0.02 -27.86
C ASP A 324 -12.15 1.23 -28.40
N VAL A 325 -11.86 2.35 -27.74
CA VAL A 325 -12.68 3.55 -27.87
C VAL A 325 -12.34 4.41 -29.08
N TYR A 326 -11.31 4.08 -29.83
CA TYR A 326 -11.00 4.79 -31.07
C TYR A 326 -11.30 3.95 -32.31
N ALA A 327 -12.02 2.83 -32.14
CA ALA A 327 -12.15 1.81 -33.17
C ALA A 327 -13.43 1.97 -33.97
N MET A 328 -13.36 1.57 -35.24
CA MET A 328 -14.52 1.62 -36.13
C MET A 328 -14.53 0.42 -37.08
N LYS A 329 -15.66 -0.29 -37.12
CA LYS A 329 -15.82 -1.39 -38.05
C LYS A 329 -16.01 -0.84 -39.45
N SER A 330 -15.63 -1.65 -40.44
CA SER A 330 -15.73 -1.25 -41.84
C SER A 330 -17.19 -1.25 -42.30
N HIS A 331 -17.48 -0.44 -43.33
CA HIS A 331 -18.82 -0.40 -43.88
C HIS A 331 -19.23 -1.76 -44.41
N GLU A 332 -20.54 -2.04 -44.41
CA GLU A 332 -21.02 -3.33 -44.89
C GLU A 332 -20.59 -3.57 -46.33
N SER A 333 -20.77 -2.57 -47.19
CA SER A 333 -20.32 -2.65 -48.59
C SER A 333 -18.92 -2.04 -48.69
N SER A 334 -17.93 -2.83 -48.30
CA SER A 334 -16.54 -2.44 -48.31
C SER A 334 -15.74 -3.60 -48.85
N PRO A 335 -14.65 -3.32 -49.60
CA PRO A 335 -13.92 -4.41 -50.28
C PRO A 335 -13.51 -5.50 -49.30
N LYS A 336 -12.68 -5.15 -48.33
CA LYS A 336 -12.28 -6.12 -47.33
C LYS A 336 -12.88 -5.72 -45.99
N LYS A 337 -13.04 -6.70 -45.12
CA LYS A 337 -13.54 -6.44 -43.78
C LYS A 337 -12.35 -5.96 -42.93
N GLU A 338 -12.41 -4.70 -42.50
CA GLU A 338 -11.34 -4.05 -41.76
C GLU A 338 -11.88 -3.42 -40.48
N VAL A 339 -10.95 -3.09 -39.58
CA VAL A 339 -11.21 -2.29 -38.39
C VAL A 339 -10.20 -1.15 -38.37
N TYR A 340 -10.62 0.04 -37.94
CA TYR A 340 -9.77 1.22 -37.92
C TYR A 340 -9.64 1.78 -36.52
N PHE A 341 -8.45 2.24 -36.15
CA PHE A 341 -8.23 2.94 -34.89
C PHE A 341 -7.61 4.30 -35.19
N MET A 342 -8.24 5.37 -34.70
CA MET A 342 -7.78 6.71 -35.05
C MET A 342 -7.92 7.64 -33.84
N ALA A 343 -6.90 8.45 -33.60
CA ALA A 343 -6.94 9.38 -32.46
C ALA A 343 -5.92 10.51 -32.62
N ILE A 344 -6.10 11.56 -31.88
CA ILE A 344 -5.12 12.64 -31.91
C ILE A 344 -4.02 12.31 -30.90
N ILE A 345 -2.76 12.62 -31.25
CA ILE A 345 -1.63 12.31 -30.38
C ILE A 345 -0.63 13.44 -30.41
N ASP A 346 0.23 13.46 -29.39
CA ASP A 346 1.42 14.33 -29.33
C ASP A 346 1.05 15.79 -29.05
N ILE A 347 0.13 16.02 -28.10
CA ILE A 347 -0.42 17.35 -27.84
C ILE A 347 0.28 18.08 -26.69
N LEU A 348 1.50 17.71 -26.32
CA LEU A 348 2.17 18.43 -25.23
C LEU A 348 3.29 19.23 -25.87
N THR A 349 2.94 20.46 -26.26
CA THR A 349 3.83 21.39 -26.95
C THR A 349 4.14 22.64 -26.13
N VAL A 375 3.08 29.18 -40.06
CA VAL A 375 2.88 28.44 -38.82
C VAL A 375 1.91 29.19 -37.91
N ASN A 376 0.71 28.61 -37.69
CA ASN A 376 -0.32 29.25 -36.87
C ASN A 376 -1.26 28.19 -36.33
N PRO A 377 -1.62 28.22 -35.05
CA PRO A 377 -2.52 27.17 -34.52
C PRO A 377 -3.93 27.22 -35.09
N GLU A 378 -4.46 28.41 -35.41
CA GLU A 378 -5.79 28.48 -36.01
C GLU A 378 -5.79 27.87 -37.41
N GLN A 379 -4.81 28.28 -38.23
CA GLN A 379 -4.61 27.66 -39.53
C GLN A 379 -4.34 26.16 -39.37
N TYR A 380 -3.56 25.78 -38.35
CA TYR A 380 -3.31 24.37 -38.07
C TYR A 380 -4.62 23.60 -37.89
N SER A 381 -5.49 24.09 -37.02
CA SER A 381 -6.82 23.50 -36.82
C SER A 381 -7.55 23.35 -38.14
N LYS A 382 -7.64 24.44 -38.92
CA LYS A 382 -8.43 24.41 -40.15
C LYS A 382 -7.87 23.41 -41.16
N ARG A 383 -6.55 23.48 -41.42
CA ARG A 383 -5.91 22.61 -42.40
C ARG A 383 -5.96 21.15 -41.98
N PHE A 384 -5.66 20.88 -40.70
CA PHE A 384 -5.77 19.53 -40.14
C PHE A 384 -7.16 18.97 -40.39
N ASN A 385 -8.21 19.73 -40.03
CA ASN A 385 -9.57 19.25 -40.19
C ASN A 385 -9.90 19.01 -41.66
N GLU A 386 -9.47 19.91 -42.55
CA GLU A 386 -9.71 19.75 -43.98
C GLU A 386 -9.00 18.49 -44.51
N PHE A 387 -7.74 18.29 -44.13
CA PHE A 387 -7.00 17.11 -44.56
C PHE A 387 -7.70 15.83 -44.09
N MET A 388 -7.87 15.69 -42.78
CA MET A 388 -8.44 14.46 -42.23
C MET A 388 -9.84 14.22 -42.77
N SER A 389 -10.58 15.28 -43.13
CA SER A 389 -11.88 15.08 -43.74
C SER A 389 -11.77 14.24 -45.01
N ASN A 390 -10.65 14.37 -45.72
CA ASN A 390 -10.45 13.77 -47.03
C ASN A 390 -9.80 12.39 -46.96
N ILE A 391 -10.03 11.62 -45.90
CA ILE A 391 -9.44 10.26 -45.86
C ILE A 391 -10.49 9.22 -45.47
N LEU A 392 -11.76 9.62 -45.47
CA LEU A 392 -12.86 8.76 -45.02
C LEU A 392 -13.90 8.53 -46.11
N THR A 393 -14.60 7.40 -45.99
CA THR A 393 -15.92 7.20 -46.59
C THR A 393 -16.83 6.46 -45.61
N VAL B 10 -13.15 2.33 3.86
CA VAL B 10 -12.18 3.41 3.78
C VAL B 10 -11.50 3.58 5.13
N LYS B 11 -10.17 3.49 5.16
CA LYS B 11 -9.44 3.76 6.38
C LYS B 11 -9.03 5.23 6.38
N LEU B 12 -9.56 5.99 7.34
CA LEU B 12 -9.22 7.40 7.42
C LEU B 12 -8.05 7.67 8.35
N PHE B 13 -7.69 6.72 9.20
CA PHE B 13 -6.63 6.92 10.18
C PHE B 13 -6.94 8.12 11.06
N ARG B 14 -8.21 8.29 11.43
CA ARG B 14 -8.57 9.37 12.34
C ARG B 14 -8.24 8.94 13.76
N ALA B 15 -7.47 9.76 14.46
CA ALA B 15 -6.92 9.36 15.74
C ALA B 15 -7.03 10.47 16.78
N SER B 16 -6.85 10.07 18.04
CA SER B 16 -6.96 11.01 19.14
C SER B 16 -5.85 12.07 19.08
N GLU B 17 -4.66 11.72 18.59
CA GLU B 17 -3.50 12.58 18.32
C GLU B 17 -2.91 12.24 16.96
N PRO B 18 -2.24 13.21 16.32
CA PRO B 18 -1.68 12.95 14.97
C PRO B 18 -0.61 11.86 14.93
N ILE B 19 0.18 11.73 15.98
CA ILE B 19 1.18 10.67 15.96
C ILE B 19 0.47 9.33 15.86
N LEU B 20 -0.72 9.22 16.45
CA LEU B 20 -1.49 7.99 16.33
C LEU B 20 -2.00 7.77 14.89
N SER B 21 -2.40 8.85 14.22
CA SER B 21 -2.74 8.71 12.80
C SER B 21 -1.56 8.18 12.02
N VAL B 22 -0.34 8.63 12.34
CA VAL B 22 0.80 8.11 11.59
C VAL B 22 1.08 6.67 11.95
N LEU B 23 0.98 6.32 13.23
CA LEU B 23 1.15 4.93 13.62
C LEU B 23 0.20 4.03 12.82
N MET B 24 -1.06 4.45 12.70
CA MET B 24 -2.02 3.63 11.99
C MET B 24 -1.68 3.58 10.52
N TRP B 25 -1.40 4.73 9.90
CA TRP B 25 -1.01 4.72 8.50
C TRP B 25 0.19 3.81 8.30
N GLY B 26 1.15 3.86 9.21
CA GLY B 26 2.40 3.17 9.00
C GLY B 26 2.30 1.67 9.17
N VAL B 27 1.58 1.22 10.20
CA VAL B 27 1.37 -0.21 10.33
C VAL B 27 0.55 -0.72 9.16
N ASN B 28 -0.48 0.01 8.75
CA ASN B 28 -1.18 -0.36 7.54
C ASN B 28 -0.21 -0.49 6.36
N HIS B 29 0.62 0.52 6.16
CA HIS B 29 1.51 0.53 5.02
C HIS B 29 2.49 -0.63 5.07
N THR B 30 3.16 -0.80 6.21
CA THR B 30 4.20 -1.82 6.30
C THR B 30 3.61 -3.22 6.18
N ILE B 31 2.43 -3.46 6.78
CA ILE B 31 1.84 -4.80 6.69
C ILE B 31 1.40 -5.10 5.25
N ASN B 32 0.88 -4.09 4.53
CA ASN B 32 0.58 -4.33 3.12
C ASN B 32 1.84 -4.62 2.34
N GLU B 33 2.87 -3.80 2.52
CA GLU B 33 4.14 -4.05 1.86
C GLU B 33 4.63 -5.47 2.13
N LEU B 34 4.59 -5.87 3.39
CA LEU B 34 5.06 -7.19 3.76
C LEU B 34 4.26 -8.29 3.06
N SER B 35 2.97 -8.07 2.88
CA SER B 35 2.18 -9.12 2.26
C SER B 35 2.63 -9.41 0.85
N ASN B 36 3.46 -8.55 0.25
CA ASN B 36 4.02 -8.81 -1.06
C ASN B 36 5.42 -9.41 -0.99
N VAL B 37 5.99 -9.53 0.21
CA VAL B 37 7.30 -10.13 0.40
C VAL B 37 7.08 -11.59 0.80
N PRO B 38 7.57 -12.56 0.02
CA PRO B 38 7.42 -13.98 0.38
C PRO B 38 7.88 -14.30 1.79
N VAL B 39 7.35 -15.36 2.36
CA VAL B 39 7.78 -15.83 3.68
C VAL B 39 8.97 -16.75 3.46
N PRO B 40 10.11 -16.46 4.08
CA PRO B 40 11.32 -17.23 3.81
C PRO B 40 11.33 -18.57 4.51
N VAL B 41 12.13 -19.48 3.95
CA VAL B 41 12.37 -20.76 4.59
C VAL B 41 12.96 -20.55 5.97
N MET B 42 13.78 -19.50 6.14
CA MET B 42 14.38 -19.18 7.43
C MET B 42 14.78 -17.72 7.45
N LEU B 43 15.01 -17.19 8.65
CA LEU B 43 15.58 -15.85 8.77
C LEU B 43 17.10 -15.91 8.62
N MET B 44 17.67 -14.85 8.05
CA MET B 44 19.11 -14.75 7.91
C MET B 44 19.66 -13.66 8.80
N PRO B 45 20.97 -13.67 9.08
CA PRO B 45 21.53 -12.63 9.96
C PRO B 45 21.21 -11.21 9.51
N ASP B 46 21.22 -10.93 8.20
CA ASP B 46 20.90 -9.56 7.75
C ASP B 46 19.48 -9.16 8.13
N ASP B 47 18.57 -10.11 8.25
CA ASP B 47 17.21 -9.78 8.65
C ASP B 47 17.17 -9.19 10.05
N PHE B 48 18.22 -9.39 10.82
CA PHE B 48 18.31 -8.85 12.17
C PHE B 48 19.03 -7.51 12.21
N LYS B 49 19.56 -7.05 11.09
CA LYS B 49 20.18 -5.75 10.95
C LYS B 49 19.40 -4.83 10.01
N ALA B 50 18.26 -5.29 9.47
CA ALA B 50 17.54 -4.67 8.37
C ALA B 50 16.53 -3.64 8.88
N TYR B 51 16.02 -2.81 7.96
CA TYR B 51 14.99 -1.85 8.34
C TYR B 51 14.26 -1.35 7.11
N SER B 52 13.03 -0.91 7.34
CA SER B 52 12.19 -0.31 6.32
C SER B 52 11.99 1.15 6.68
N LYS B 53 12.09 2.04 5.69
CA LYS B 53 11.99 3.47 5.94
C LYS B 53 11.18 4.11 4.82
N ILE B 54 10.18 4.91 5.16
CA ILE B 54 9.43 5.66 4.17
C ILE B 54 9.29 7.10 4.63
N LYS B 55 9.33 8.04 3.67
CA LYS B 55 9.21 9.47 3.92
C LYS B 55 8.11 10.03 3.03
N VAL B 56 7.18 10.75 3.64
CA VAL B 56 5.94 11.17 2.99
C VAL B 56 5.88 12.69 2.99
N ASP B 57 5.81 13.29 1.79
CA ASP B 57 5.60 14.72 1.62
C ASP B 57 4.45 14.92 0.64
N ASN B 58 3.23 14.97 1.15
CA ASN B 58 2.05 15.34 0.39
C ASN B 58 1.91 16.86 0.35
N HIS B 59 1.10 17.33 -0.60
CA HIS B 59 0.84 18.75 -0.79
C HIS B 59 -0.58 18.89 -1.30
N LEU B 60 -1.45 19.50 -0.48
CA LEU B 60 -2.84 19.71 -0.82
C LEU B 60 -3.54 18.40 -1.14
N PHE B 61 -3.18 17.36 -0.39
CA PHE B 61 -3.62 16.01 -0.71
C PHE B 61 -3.67 15.15 0.54
N ASN B 62 -4.82 14.53 0.78
CA ASN B 62 -4.96 13.52 1.82
C ASN B 62 -4.54 14.06 3.18
N LYS B 63 -4.81 15.35 3.42
CA LYS B 63 -4.38 16.01 4.64
C LYS B 63 -5.46 16.04 5.71
N GLU B 64 -6.63 15.44 5.46
CA GLU B 64 -7.75 15.50 6.41
C GLU B 64 -7.36 14.88 7.74
N ASN B 65 -6.61 13.78 7.71
CA ASN B 65 -6.26 13.10 8.96
C ASN B 65 -4.78 12.83 9.12
N LEU B 66 -4.00 12.78 8.06
CA LEU B 66 -2.56 12.61 8.26
C LEU B 66 -1.84 13.94 8.13
N PRO B 67 -0.70 14.07 8.76
CA PRO B 67 0.19 15.18 8.41
C PRO B 67 0.59 15.09 6.95
N SER B 68 0.93 16.22 6.35
CA SER B 68 1.41 16.22 4.99
C SER B 68 2.81 15.67 4.90
N ARG B 69 3.58 15.77 5.98
CA ARG B 69 4.97 15.37 6.00
C ARG B 69 5.17 14.50 7.23
N PHE B 70 5.67 13.29 7.03
CA PHE B 70 6.00 12.42 8.15
C PHE B 70 6.91 11.30 7.67
N LYS B 71 7.55 10.65 8.64
CA LYS B 71 8.49 9.57 8.38
C LYS B 71 8.09 8.34 9.19
N PHE B 72 8.25 7.16 8.60
CA PHE B 72 7.93 5.90 9.27
C PHE B 72 9.04 4.88 9.04
N LYS B 73 9.57 4.31 10.12
CA LYS B 73 10.66 3.33 10.08
C LYS B 73 10.22 2.10 10.86
N GLU B 74 10.39 0.93 10.27
CA GLU B 74 10.05 -0.33 10.92
C GLU B 74 11.35 -1.12 11.06
N TYR B 75 11.63 -1.58 12.26
CA TYR B 75 12.86 -2.30 12.53
C TYR B 75 12.66 -3.79 12.36
N CYS B 76 13.62 -4.43 11.71
CA CYS B 76 13.63 -5.88 11.51
C CYS B 76 12.27 -6.44 11.07
N PRO B 77 11.70 -5.94 9.98
CA PRO B 77 10.35 -6.37 9.61
C PRO B 77 10.19 -7.87 9.42
N MET B 78 11.15 -8.56 8.80
CA MET B 78 11.06 -10.01 8.66
C MET B 78 11.08 -10.72 10.01
N VAL B 79 11.92 -10.25 10.94
CA VAL B 79 12.00 -10.91 12.24
C VAL B 79 10.68 -10.80 12.96
N PHE B 80 10.17 -9.57 13.08
CA PHE B 80 8.93 -9.36 13.82
C PHE B 80 7.75 -9.99 13.12
N ARG B 81 7.77 -10.08 11.80
CA ARG B 81 6.69 -10.83 11.16
C ARG B 81 6.74 -12.29 11.58
N ASN B 82 7.95 -12.86 11.65
CA ASN B 82 8.02 -14.26 12.04
C ASN B 82 7.63 -14.44 13.50
N LEU B 83 8.03 -13.51 14.35
CA LEU B 83 7.61 -13.53 15.75
C LEU B 83 6.10 -13.52 15.82
N ARG B 84 5.45 -12.60 15.11
CA ARG B 84 3.99 -12.56 15.11
C ARG B 84 3.43 -13.95 14.79
N GLU B 85 3.96 -14.59 13.75
CA GLU B 85 3.44 -15.91 13.41
C GLU B 85 3.64 -16.87 14.57
N ARG B 86 4.84 -16.87 15.16
CA ARG B 86 5.15 -17.81 16.23
C ARG B 86 4.34 -17.57 17.49
N PHE B 87 3.79 -16.37 17.66
CA PHE B 87 2.82 -16.06 18.69
C PHE B 87 1.39 -16.28 18.23
N GLY B 88 1.20 -16.89 17.06
CA GLY B 88 -0.13 -17.22 16.60
C GLY B 88 -0.96 -16.04 16.18
N ILE B 89 -0.32 -14.91 15.85
CA ILE B 89 -1.05 -13.70 15.51
C ILE B 89 -1.00 -13.49 14.01
N ASP B 90 -2.18 -13.47 13.39
CA ASP B 90 -2.30 -13.27 11.96
C ASP B 90 -1.99 -11.81 11.62
N ASP B 91 -1.30 -11.60 10.46
CA ASP B 91 -0.82 -10.26 10.15
C ASP B 91 -1.97 -9.30 9.88
N GLN B 92 -3.02 -9.77 9.19
CA GLN B 92 -4.17 -8.90 8.97
C GLN B 92 -4.90 -8.59 10.26
N ASP B 93 -4.96 -9.52 11.21
CA ASP B 93 -5.57 -9.19 12.49
C ASP B 93 -4.79 -8.09 13.18
N TYR B 94 -3.45 -8.20 13.18
CA TYR B 94 -2.60 -7.17 13.74
C TYR B 94 -2.92 -5.80 13.10
N GLN B 95 -2.98 -5.80 11.77
CA GLN B 95 -3.26 -4.57 11.04
C GLN B 95 -4.63 -4.00 11.39
N ASN B 96 -5.63 -4.86 11.58
CA ASN B 96 -6.97 -4.36 11.84
C ASN B 96 -7.05 -3.74 13.23
N SER B 97 -6.43 -4.37 14.21
CA SER B 97 -6.45 -3.78 15.55
C SER B 97 -5.74 -2.43 15.57
N VAL B 98 -4.74 -2.21 14.72
CA VAL B 98 -4.11 -0.89 14.76
C VAL B 98 -4.85 0.13 13.87
N THR B 99 -5.53 -0.30 12.80
CA THR B 99 -6.04 0.68 11.86
C THR B 99 -7.56 0.80 11.78
N ARG B 100 -8.32 -0.18 12.30
CA ARG B 100 -9.77 -0.03 12.24
C ARG B 100 -10.23 1.15 13.07
N SER B 101 -9.50 1.45 14.14
CA SER B 101 -9.89 2.52 15.06
C SER B 101 -8.69 2.93 15.88
N ALA B 102 -8.61 4.23 16.17
CA ALA B 102 -7.42 4.77 16.81
C ALA B 102 -7.16 4.06 18.14
N PRO B 103 -5.90 3.85 18.50
CA PRO B 103 -5.60 3.36 19.85
C PRO B 103 -6.06 4.36 20.90
N ILE B 104 -6.14 3.86 22.14
CA ILE B 104 -6.68 4.58 23.29
C ILE B 104 -5.75 4.53 24.50
N ASN B 105 -6.20 5.06 25.64
CA ASN B 105 -5.40 4.99 26.89
C ASN B 105 -6.12 4.18 27.95
N ARG B 115 4.00 7.79 27.10
CA ARG B 115 2.66 7.34 26.74
C ARG B 115 2.52 5.80 26.69
N PHE B 116 1.27 5.35 26.79
CA PHE B 116 0.91 3.94 26.84
C PHE B 116 -0.46 3.78 26.22
N LEU B 117 -0.58 2.92 25.23
CA LEU B 117 -1.80 2.83 24.48
C LEU B 117 -2.20 1.38 24.35
N THR B 118 -3.47 1.19 24.01
CA THR B 118 -3.94 -0.10 23.55
C THR B 118 -4.71 0.13 22.26
N THR B 119 -4.66 -0.88 21.40
CA THR B 119 -5.51 -0.92 20.22
C THR B 119 -6.97 -0.78 20.61
N TYR B 120 -7.81 -0.31 19.69
CA TYR B 120 -9.22 -0.13 20.01
C TYR B 120 -9.79 -1.38 20.66
N ASP B 121 -9.36 -2.54 20.19
CA ASP B 121 -9.96 -3.79 20.63
C ASP B 121 -9.29 -4.35 21.86
N ARG B 122 -8.37 -3.61 22.44
CA ARG B 122 -7.68 -3.95 23.68
C ARG B 122 -6.83 -5.23 23.54
N ARG B 123 -6.57 -5.71 22.32
CA ARG B 123 -5.75 -6.90 22.15
C ARG B 123 -4.25 -6.61 22.25
N PHE B 124 -3.77 -5.44 21.80
CA PHE B 124 -2.34 -5.17 21.78
C PHE B 124 -2.02 -3.83 22.44
N VAL B 125 -0.80 -3.74 22.95
CA VAL B 125 -0.31 -2.61 23.73
C VAL B 125 0.82 -1.95 22.95
N ILE B 126 0.85 -0.61 23.00
CA ILE B 126 1.84 0.18 22.28
C ILE B 126 2.49 1.09 23.30
N LYS B 127 3.79 0.90 23.53
CA LYS B 127 4.50 1.69 24.52
C LYS B 127 5.57 2.51 23.83
N THR B 128 5.62 3.80 24.15
CA THR B 128 6.74 4.62 23.74
C THR B 128 7.97 4.19 24.50
N VAL B 129 9.11 4.13 23.83
CA VAL B 129 10.34 3.64 24.42
C VAL B 129 11.47 4.56 24.00
N SER B 130 12.61 4.38 24.66
CA SER B 130 13.79 5.17 24.42
C SER B 130 14.63 4.59 23.29
N SER B 131 15.49 5.44 22.73
CA SER B 131 16.52 4.99 21.80
C SER B 131 17.32 3.85 22.40
N GLU B 132 17.74 4.01 23.66
CA GLU B 132 18.53 2.97 24.31
C GLU B 132 17.77 1.65 24.37
N ASP B 133 16.48 1.69 24.70
CA ASP B 133 15.69 0.46 24.72
C ASP B 133 15.68 -0.22 23.35
N VAL B 134 15.67 0.58 22.27
CA VAL B 134 15.77 0.02 20.91
C VAL B 134 17.13 -0.65 20.72
N ALA B 135 18.20 0.02 21.13
CA ALA B 135 19.51 -0.60 21.07
C ALA B 135 19.51 -1.94 21.79
N GLU B 136 18.85 -1.99 22.95
CA GLU B 136 18.84 -3.20 23.77
C GLU B 136 18.03 -4.32 23.09
N MET B 137 16.87 -3.97 22.53
CA MET B 137 16.10 -4.92 21.74
C MET B 137 16.93 -5.51 20.61
N HIS B 138 17.74 -4.68 19.96
CA HIS B 138 18.61 -5.20 18.91
C HIS B 138 19.65 -6.16 19.50
N ASN B 139 20.30 -5.76 20.60
CA ASN B 139 21.35 -6.62 21.14
C ASN B 139 20.78 -7.98 21.53
N ILE B 140 19.51 -8.04 21.93
CA ILE B 140 18.94 -9.30 22.40
C ILE B 140 18.08 -10.02 21.36
N LEU B 141 17.82 -9.41 20.20
CA LEU B 141 16.77 -9.93 19.32
C LEU B 141 17.06 -11.33 18.78
N LYS B 142 18.29 -11.60 18.33
CA LYS B 142 18.57 -12.93 17.82
C LYS B 142 18.34 -13.99 18.90
N LYS B 143 18.91 -13.77 20.10
CA LYS B 143 18.71 -14.78 21.15
C LYS B 143 17.25 -14.83 21.59
N TYR B 144 16.53 -13.71 21.55
CA TYR B 144 15.12 -13.75 21.93
C TYR B 144 14.29 -14.51 20.90
N HIS B 145 14.56 -14.29 19.62
CA HIS B 145 13.86 -15.04 18.59
C HIS B 145 14.14 -16.53 18.71
N GLN B 146 15.40 -16.89 18.93
CA GLN B 146 15.73 -18.30 19.08
C GLN B 146 15.01 -18.89 20.27
N PHE B 147 14.86 -18.12 21.35
CA PHE B 147 14.17 -18.66 22.51
C PHE B 147 12.67 -18.80 22.23
N ILE B 148 12.08 -17.81 21.56
CA ILE B 148 10.67 -17.93 21.20
C ILE B 148 10.44 -19.20 20.40
N VAL B 149 11.34 -19.50 19.46
CA VAL B 149 11.10 -20.71 18.69
C VAL B 149 11.32 -21.94 19.56
N GLU B 150 12.27 -21.90 20.48
CA GLU B 150 12.54 -23.10 21.26
C GLU B 150 11.38 -23.46 22.16
N CYS B 151 10.64 -22.50 22.68
CA CYS B 151 9.51 -22.80 23.53
C CYS B 151 8.17 -22.72 22.78
N HIS B 152 8.19 -22.82 21.45
CA HIS B 152 6.99 -22.93 20.63
C HIS B 152 5.96 -21.85 20.99
N GLY B 153 6.45 -20.68 21.33
CA GLY B 153 5.59 -19.54 21.60
C GLY B 153 4.94 -19.52 22.95
N ASN B 154 5.21 -20.51 23.79
CA ASN B 154 4.57 -20.63 25.10
C ASN B 154 5.55 -20.05 26.12
N THR B 155 5.36 -18.78 26.45
CA THR B 155 6.30 -18.09 27.33
C THR B 155 5.59 -16.96 28.06
N LEU B 156 6.09 -16.64 29.25
CA LEU B 156 5.60 -15.51 30.03
C LEU B 156 6.34 -14.22 29.73
N LEU B 157 7.35 -14.25 28.86
CA LEU B 157 8.08 -13.03 28.50
C LEU B 157 7.16 -12.09 27.70
N PRO B 158 7.52 -10.82 27.60
CA PRO B 158 6.81 -9.96 26.65
C PRO B 158 6.89 -10.55 25.26
N GLN B 159 5.83 -10.35 24.48
CA GLN B 159 5.74 -10.85 23.12
C GLN B 159 5.75 -9.67 22.17
N PHE B 160 6.93 -9.37 21.62
CA PHE B 160 7.09 -8.23 20.76
C PHE B 160 6.55 -8.53 19.37
N LEU B 161 5.62 -7.71 18.89
CA LEU B 161 5.00 -7.94 17.59
C LEU B 161 5.47 -6.98 16.50
N GLY B 162 6.10 -5.85 16.89
CA GLY B 162 6.69 -4.93 15.95
C GLY B 162 7.37 -3.78 16.63
N MET B 163 8.38 -3.20 15.99
CA MET B 163 9.07 -2.03 16.52
C MET B 163 9.19 -0.95 15.43
N TYR B 164 8.86 0.29 15.78
CA TYR B 164 8.68 1.36 14.80
C TYR B 164 9.32 2.66 15.32
N ARG B 165 9.74 3.52 14.38
CA ARG B 165 10.20 4.89 14.68
C ARG B 165 9.35 5.83 13.85
N LEU B 166 8.66 6.74 14.52
CA LEU B 166 7.79 7.70 13.86
C LEU B 166 8.44 9.07 13.94
N THR B 167 8.43 9.80 12.83
CA THR B 167 8.91 11.17 12.82
C THR B 167 7.79 12.06 12.32
N VAL B 168 7.34 12.97 13.18
CA VAL B 168 6.29 13.93 12.86
C VAL B 168 6.60 15.25 13.52
N ASP B 169 6.78 16.31 12.70
CA ASP B 169 7.39 17.59 13.12
C ASP B 169 8.84 17.41 13.57
N GLY B 170 9.65 16.77 12.73
CA GLY B 170 11.06 16.62 13.00
C GLY B 170 11.44 15.96 14.32
N VAL B 171 10.46 15.51 15.09
CA VAL B 171 10.68 14.82 16.35
C VAL B 171 10.38 13.34 16.19
N GLU B 172 11.36 12.52 16.52
CA GLU B 172 11.25 11.08 16.40
C GLU B 172 10.64 10.53 17.68
N THR B 173 9.81 9.49 17.53
CA THR B 173 9.09 8.84 18.61
C THR B 173 9.23 7.35 18.37
N TYR B 174 9.80 6.61 19.31
CA TYR B 174 9.95 5.15 19.17
C TYR B 174 8.85 4.41 19.90
N MET B 175 8.33 3.35 19.28
CA MET B 175 7.23 2.61 19.88
C MET B 175 7.42 1.13 19.69
N VAL B 176 7.04 0.35 20.70
CA VAL B 176 7.04 -1.10 20.60
C VAL B 176 5.62 -1.61 20.84
N VAL B 177 5.13 -2.42 19.90
CA VAL B 177 3.84 -3.09 20.02
C VAL B 177 4.09 -4.49 20.55
N MET B 178 3.35 -4.88 21.59
CA MET B 178 3.44 -6.21 22.15
C MET B 178 2.05 -6.66 22.56
N ARG B 179 1.93 -7.96 22.86
CA ARG B 179 0.66 -8.53 23.26
C ARG B 179 0.33 -8.15 24.70
N ASN B 180 -0.96 -7.91 24.94
CA ASN B 180 -1.47 -7.53 26.26
C ASN B 180 -1.35 -8.67 27.26
N VAL B 181 -1.04 -8.32 28.51
CA VAL B 181 -1.05 -9.27 29.61
C VAL B 181 -2.47 -9.53 30.07
N PHE B 182 -3.30 -8.49 30.15
CA PHE B 182 -4.67 -8.60 30.62
C PHE B 182 -5.61 -9.07 29.51
N SER B 183 -6.81 -9.45 29.92
CA SER B 183 -7.80 -9.84 28.93
C SER B 183 -8.29 -8.61 28.18
N HIS B 184 -8.53 -8.80 26.89
CA HIS B 184 -9.12 -7.77 26.05
C HIS B 184 -10.63 -7.63 26.25
N ARG B 185 -11.24 -8.47 27.09
CA ARG B 185 -12.66 -8.35 27.37
C ARG B 185 -12.99 -8.44 28.85
N LEU B 186 -12.15 -9.04 29.68
CA LEU B 186 -12.43 -9.21 31.09
C LEU B 186 -11.77 -8.11 31.89
N THR B 187 -12.55 -7.41 32.71
CA THR B 187 -11.99 -6.30 33.46
C THR B 187 -11.08 -6.81 34.55
N VAL B 188 -9.90 -6.20 34.67
CA VAL B 188 -8.95 -6.53 35.72
C VAL B 188 -9.30 -5.65 36.92
N HIS B 189 -9.63 -6.28 38.05
CA HIS B 189 -10.09 -5.53 39.22
C HIS B 189 -8.96 -5.10 40.13
N ARG B 190 -7.89 -5.88 40.25
CA ARG B 190 -6.75 -5.42 41.07
C ARG B 190 -5.46 -5.83 40.38
N LYS B 191 -4.38 -5.09 40.65
CA LYS B 191 -3.12 -5.31 39.93
C LYS B 191 -1.94 -5.20 40.87
N TYR B 192 -0.92 -6.02 40.60
CA TYR B 192 0.32 -6.03 41.37
C TYR B 192 1.51 -6.12 40.43
N ASP B 193 2.61 -5.50 40.88
CA ASP B 193 3.88 -5.43 40.16
C ASP B 193 4.96 -5.95 41.10
N LEU B 194 5.48 -7.16 40.85
CA LEU B 194 6.36 -7.81 41.80
C LEU B 194 7.80 -7.83 41.27
N LYS B 195 8.77 -7.48 42.11
CA LYS B 195 10.18 -7.52 41.69
C LYS B 195 11.08 -8.29 42.68
N VAL B 199 15.51 -6.15 49.40
CA VAL B 199 14.96 -4.82 49.24
C VAL B 199 13.52 -4.80 49.72
N ALA B 200 12.79 -3.74 49.33
CA ALA B 200 11.37 -3.58 49.63
C ALA B 200 10.80 -2.45 48.77
N ARG B 201 9.66 -2.70 48.10
CA ARG B 201 8.99 -1.68 47.31
C ARG B 201 7.51 -1.72 47.63
N GLU B 202 6.87 -0.55 47.68
CA GLU B 202 5.47 -0.45 48.06
C GLU B 202 4.83 0.73 47.32
N ALA B 203 3.50 0.80 47.38
CA ALA B 203 2.76 1.84 46.67
C ALA B 203 2.53 3.07 47.56
N SER B 204 2.67 4.24 46.94
CA SER B 204 2.49 5.52 47.61
C SER B 204 1.04 5.76 48.01
N ASP B 205 0.85 6.58 49.05
CA ASP B 205 -0.46 7.17 49.27
C ASP B 205 -0.95 7.86 48.00
N LYS B 206 -0.02 8.38 47.20
CA LYS B 206 -0.34 8.93 45.88
C LYS B 206 -0.82 7.85 44.94
N GLU B 207 0.03 6.85 44.68
CA GLU B 207 -0.35 5.76 43.78
C GLU B 207 -1.63 5.08 44.24
N LYS B 208 -1.71 4.78 45.54
CA LYS B 208 -2.86 4.08 46.12
C LYS B 208 -4.16 4.84 45.93
N ALA B 209 -4.13 6.09 45.47
CA ALA B 209 -5.33 6.90 45.34
C ALA B 209 -5.88 6.95 43.92
N LYS B 210 -5.30 6.21 42.98
CA LYS B 210 -5.83 6.19 41.62
C LYS B 210 -6.92 5.12 41.52
N ASP B 211 -7.54 5.00 40.34
CA ASP B 211 -8.64 4.08 40.16
C ASP B 211 -8.21 2.62 40.35
N LEU B 212 -7.21 2.18 39.58
CA LEU B 212 -6.67 0.82 39.69
C LEU B 212 -5.15 0.92 39.89
N PRO B 213 -4.68 0.89 41.13
CA PRO B 213 -3.26 1.17 41.38
C PRO B 213 -2.34 0.01 41.02
N THR B 214 -1.12 0.37 40.61
CA THR B 214 -0.06 -0.60 40.40
C THR B 214 0.64 -0.76 41.76
N PHE B 215 0.07 -1.65 42.58
CA PHE B 215 0.65 -1.95 43.89
C PHE B 215 1.91 -2.80 43.72
N LYS B 216 2.98 -2.43 44.41
CA LYS B 216 4.24 -3.16 44.29
C LYS B 216 4.23 -4.36 45.25
N ASP B 217 5.36 -5.04 45.38
CA ASP B 217 5.42 -6.32 46.12
C ASP B 217 4.90 -6.21 47.56
N ASN B 218 5.47 -5.28 48.36
CA ASN B 218 5.23 -5.25 49.80
C ASN B 218 3.74 -5.16 50.14
N ASP B 219 3.01 -4.29 49.45
CA ASP B 219 1.58 -4.13 49.73
C ASP B 219 0.78 -5.39 49.39
N PHE B 220 1.24 -6.16 48.40
CA PHE B 220 0.61 -7.45 48.13
C PHE B 220 0.91 -8.44 49.24
N LEU B 221 2.08 -8.34 49.87
CA LEU B 221 2.40 -9.23 50.97
C LEU B 221 1.55 -8.92 52.19
N ASN B 222 1.47 -7.63 52.55
CA ASN B 222 0.66 -7.21 53.70
C ASN B 222 -0.83 -7.44 53.48
N GLU B 223 -1.28 -7.47 52.21
CA GLU B 223 -2.69 -7.74 51.92
C GLU B 223 -3.08 -9.19 52.15
N GLY B 224 -2.18 -10.12 51.87
CA GLY B 224 -2.46 -11.55 52.05
C GLY B 224 -3.42 -12.19 51.07
N GLN B 225 -3.47 -11.71 49.82
CA GLN B 225 -4.18 -12.42 48.76
C GLN B 225 -3.32 -13.58 48.27
N LYS B 226 -3.96 -14.68 47.92
CA LYS B 226 -3.29 -15.79 47.26
C LYS B 226 -4.12 -16.16 46.03
N LEU B 227 -3.49 -16.94 45.14
CA LEU B 227 -4.08 -17.38 43.89
C LEU B 227 -4.04 -18.91 43.83
N HIS B 228 -5.19 -19.55 43.97
CA HIS B 228 -5.27 -21.01 44.02
C HIS B 228 -5.56 -21.51 42.61
N VAL B 229 -4.54 -22.06 41.96
CA VAL B 229 -4.66 -22.63 40.63
C VAL B 229 -4.51 -24.13 40.66
N GLY B 230 -4.24 -24.71 41.83
CA GLY B 230 -4.11 -26.14 41.98
C GLY B 230 -2.79 -26.66 41.43
N GLU B 231 -2.44 -27.88 41.88
CA GLU B 231 -1.13 -28.44 41.58
C GLU B 231 -0.90 -28.57 40.08
N GLU B 232 -1.89 -29.09 39.36
CA GLU B 232 -1.70 -29.39 37.94
C GLU B 232 -1.35 -28.14 37.15
N SER B 233 -2.10 -27.04 37.37
CA SER B 233 -1.80 -25.79 36.67
C SER B 233 -0.48 -25.20 37.16
N LYS B 234 -0.32 -25.16 38.48
CA LYS B 234 0.84 -24.55 39.11
C LYS B 234 2.15 -25.14 38.61
N LYS B 235 2.22 -26.47 38.45
CA LYS B 235 3.50 -27.10 38.12
C LYS B 235 4.01 -26.60 36.77
N ASN B 236 3.15 -26.61 35.75
CA ASN B 236 3.57 -26.16 34.43
C ASN B 236 3.82 -24.65 34.40
N PHE B 237 3.04 -23.87 35.16
CA PHE B 237 3.33 -22.43 35.24
C PHE B 237 4.72 -22.19 35.78
N LEU B 238 5.06 -22.88 36.88
CA LEU B 238 6.37 -22.70 37.49
C LEU B 238 7.47 -23.11 36.52
N GLU B 239 7.22 -24.16 35.74
CA GLU B 239 8.18 -24.55 34.71
C GLU B 239 8.48 -23.38 33.78
N LYS B 240 7.41 -22.74 33.27
CA LYS B 240 7.59 -21.67 32.29
C LYS B 240 8.26 -20.44 32.90
N LEU B 241 7.90 -20.09 34.15
CA LEU B 241 8.55 -18.95 34.80
C LEU B 241 10.04 -19.19 35.00
N LYS B 242 10.39 -20.42 35.40
CA LYS B 242 11.79 -20.76 35.58
C LYS B 242 12.56 -20.62 34.27
N ARG B 243 11.98 -21.14 33.19
CA ARG B 243 12.65 -21.03 31.88
C ARG B 243 12.91 -19.57 31.52
N ASP B 244 11.90 -18.71 31.69
CA ASP B 244 12.06 -17.31 31.29
C ASP B 244 13.15 -16.62 32.09
N VAL B 245 13.14 -16.78 33.43
CA VAL B 245 14.10 -16.01 34.22
C VAL B 245 15.50 -16.58 34.06
N GLU B 246 15.63 -17.89 33.82
CA GLU B 246 16.97 -18.44 33.56
C GLU B 246 17.51 -17.89 32.25
N PHE B 247 16.64 -17.71 31.25
CA PHE B 247 17.06 -17.05 30.01
C PHE B 247 17.48 -15.61 30.25
N LEU B 248 16.66 -14.85 30.99
CA LEU B 248 16.99 -13.44 31.22
C LEU B 248 18.28 -13.30 32.03
N ALA B 249 18.52 -14.22 32.97
CA ALA B 249 19.79 -14.24 33.69
C ALA B 249 20.95 -14.55 32.76
N GLN B 250 20.82 -15.60 31.94
CA GLN B 250 21.84 -15.94 30.95
C GLN B 250 22.13 -14.80 29.98
N LEU B 251 21.34 -13.72 30.01
CA LEU B 251 21.62 -12.50 29.26
C LEU B 251 21.94 -11.31 30.16
N LYS B 252 22.14 -11.53 31.46
CA LYS B 252 22.47 -10.47 32.42
C LYS B 252 21.48 -9.30 32.35
N ILE B 253 20.20 -9.63 32.38
CA ILE B 253 19.11 -8.65 32.45
C ILE B 253 18.48 -8.76 33.83
N MET B 254 18.03 -7.63 34.36
CA MET B 254 17.43 -7.59 35.69
C MET B 254 16.48 -6.40 35.79
N ASP B 255 15.95 -6.17 36.99
CA ASP B 255 14.97 -5.13 37.27
C ASP B 255 13.68 -5.35 36.50
N TYR B 256 13.50 -6.57 35.97
CA TYR B 256 12.23 -6.91 35.34
C TYR B 256 11.23 -7.29 36.42
N SER B 257 9.95 -7.16 36.09
CA SER B 257 8.90 -7.35 37.08
C SER B 257 7.93 -8.42 36.59
N LEU B 258 7.12 -8.96 37.49
CA LEU B 258 6.00 -9.81 37.11
C LEU B 258 4.71 -9.06 37.38
N LEU B 259 3.92 -8.88 36.34
CA LEU B 259 2.69 -8.13 36.43
C LEU B 259 1.56 -9.12 36.51
N VAL B 260 0.66 -8.89 37.46
CA VAL B 260 -0.40 -9.84 37.77
C VAL B 260 -1.71 -9.11 38.04
N GLY B 261 -2.77 -9.55 37.37
CA GLY B 261 -4.07 -8.92 37.49
C GLY B 261 -5.15 -9.91 37.85
N ILE B 262 -6.07 -9.47 38.70
CA ILE B 262 -7.12 -10.30 39.26
C ILE B 262 -8.46 -9.74 38.80
N HIS B 263 -9.33 -10.66 38.33
CA HIS B 263 -10.70 -10.38 37.90
C HIS B 263 -11.67 -11.21 38.74
N ASP B 264 -12.59 -10.53 39.41
CA ASP B 264 -13.61 -11.15 40.23
C ASP B 264 -14.90 -11.27 39.41
N VAL B 265 -15.24 -12.49 39.01
CA VAL B 265 -16.45 -12.71 38.21
C VAL B 265 -17.67 -12.14 38.94
N ASP B 266 -17.78 -12.42 40.24
CA ASP B 266 -18.95 -11.98 41.00
C ASP B 266 -19.08 -10.46 40.97
N ARG B 267 -17.95 -9.75 41.15
CA ARG B 267 -18.00 -8.30 41.08
C ARG B 267 -18.41 -7.83 39.69
N ALA B 268 -17.89 -8.49 38.67
CA ALA B 268 -18.25 -8.16 37.29
C ALA B 268 -19.77 -8.23 37.09
N GLU B 269 -20.43 -9.18 37.76
CA GLU B 269 -21.90 -9.24 37.67
C GLU B 269 -22.55 -7.93 38.11
N GLN B 270 -22.16 -7.41 39.26
CA GLN B 270 -22.70 -6.14 39.72
C GLN B 270 -22.24 -5.01 38.80
N PRO B 311 -30.11 -12.66 21.76
CA PRO B 311 -29.03 -11.74 22.16
C PRO B 311 -27.83 -12.45 22.82
N ARG B 312 -26.83 -12.81 22.01
CA ARG B 312 -25.72 -13.64 22.47
C ARG B 312 -24.97 -12.98 23.62
N PHE B 313 -24.93 -13.65 24.77
CA PHE B 313 -24.32 -13.13 25.99
C PHE B 313 -23.01 -13.88 26.28
N PHE B 314 -21.89 -13.15 26.24
CA PHE B 314 -20.65 -13.63 26.85
C PHE B 314 -20.90 -13.94 28.34
N GLY B 315 -20.47 -15.14 28.78
CA GLY B 315 -20.77 -15.60 30.11
C GLY B 315 -19.88 -14.95 31.17
N PRO B 316 -20.10 -15.36 32.42
CA PRO B 316 -19.33 -14.78 33.54
C PRO B 316 -17.98 -15.45 33.71
N GLY B 317 -16.91 -14.65 33.65
CA GLY B 317 -15.59 -15.23 33.72
C GLY B 317 -15.25 -16.07 32.51
N GLU B 318 -15.84 -15.76 31.37
CA GLU B 318 -15.63 -16.50 30.12
C GLU B 318 -14.60 -15.77 29.28
N PHE B 319 -13.68 -16.53 28.70
CA PHE B 319 -12.61 -15.94 27.90
C PHE B 319 -12.06 -16.99 26.94
N ASP B 320 -11.33 -16.52 25.93
CA ASP B 320 -10.75 -17.41 24.92
C ASP B 320 -9.26 -17.54 25.20
N PRO B 321 -8.77 -18.73 25.57
CA PRO B 321 -7.35 -18.85 25.91
C PRO B 321 -6.40 -18.65 24.73
N SER B 322 -6.85 -18.78 23.48
CA SER B 322 -5.98 -18.45 22.35
C SER B 322 -5.74 -16.94 22.25
N VAL B 323 -6.63 -16.13 22.82
CA VAL B 323 -6.60 -14.68 22.70
C VAL B 323 -6.05 -14.04 23.97
N ASP B 324 -6.59 -14.41 25.13
CA ASP B 324 -6.08 -13.97 26.43
C ASP B 324 -5.11 -15.02 26.94
N VAL B 325 -3.86 -14.93 26.47
CA VAL B 325 -2.97 -16.08 26.56
C VAL B 325 -2.30 -16.19 27.91
N TYR B 326 -2.46 -15.20 28.78
CA TYR B 326 -1.86 -15.23 30.10
C TYR B 326 -2.86 -15.54 31.20
N ALA B 327 -4.05 -16.00 30.86
CA ALA B 327 -5.16 -16.10 31.79
C ALA B 327 -5.24 -17.51 32.37
N MET B 328 -5.69 -17.58 33.63
CA MET B 328 -5.88 -18.83 34.36
C MET B 328 -7.11 -18.73 35.23
N LYS B 329 -7.97 -19.73 35.14
CA LYS B 329 -9.15 -19.86 35.98
C LYS B 329 -8.75 -20.30 37.38
N SER B 330 -9.56 -19.90 38.36
CA SER B 330 -9.29 -20.25 39.76
C SER B 330 -9.63 -21.72 40.02
N HIS B 331 -8.88 -22.32 40.96
CA HIS B 331 -9.11 -23.68 41.42
C HIS B 331 -10.46 -23.80 42.11
N GLU B 332 -10.99 -25.03 42.12
CA GLU B 332 -12.25 -25.32 42.82
C GLU B 332 -12.18 -24.95 44.30
N SER B 333 -11.06 -25.24 44.95
CA SER B 333 -10.84 -24.86 46.35
C SER B 333 -10.20 -23.48 46.36
N SER B 334 -11.04 -22.46 46.18
CA SER B 334 -10.62 -21.07 46.19
C SER B 334 -11.72 -20.24 46.84
N PRO B 335 -11.36 -19.16 47.57
CA PRO B 335 -12.37 -18.36 48.27
C PRO B 335 -13.41 -17.78 47.32
N LYS B 336 -12.96 -16.94 46.38
CA LYS B 336 -13.84 -16.34 45.39
C LYS B 336 -13.51 -16.92 44.02
N LYS B 337 -14.47 -16.83 43.10
CA LYS B 337 -14.24 -17.26 41.72
C LYS B 337 -13.56 -16.12 40.97
N GLU B 338 -12.29 -16.30 40.64
CA GLU B 338 -11.48 -15.26 40.02
C GLU B 338 -10.78 -15.80 38.77
N VAL B 339 -10.30 -14.89 37.94
CA VAL B 339 -9.44 -15.24 36.81
C VAL B 339 -8.20 -14.36 36.92
N TYR B 340 -7.02 -14.96 36.66
CA TYR B 340 -5.74 -14.31 36.89
C TYR B 340 -4.98 -14.17 35.57
N PHE B 341 -4.26 -13.06 35.41
CA PHE B 341 -3.37 -12.85 34.26
C PHE B 341 -1.96 -12.53 34.76
N MET B 342 -0.96 -13.28 34.30
CA MET B 342 0.39 -13.09 34.83
C MET B 342 1.45 -13.19 33.75
N ALA B 343 2.37 -12.23 33.74
CA ALA B 343 3.43 -12.24 32.74
C ALA B 343 4.58 -11.32 33.17
N ILE B 344 5.74 -11.54 32.57
CA ILE B 344 6.92 -10.72 32.85
C ILE B 344 6.93 -9.45 32.00
N ILE B 345 7.40 -8.34 32.59
CA ILE B 345 7.42 -7.02 31.98
C ILE B 345 8.71 -6.28 32.34
N ASP B 346 8.99 -5.23 31.55
CA ASP B 346 10.08 -4.27 31.80
C ASP B 346 11.46 -4.92 31.63
N ILE B 347 11.62 -5.74 30.59
CA ILE B 347 12.82 -6.55 30.41
C ILE B 347 13.83 -5.88 29.45
N LEU B 348 13.76 -4.57 29.25
CA LEU B 348 14.72 -3.94 28.36
C LEU B 348 15.69 -3.01 29.08
N THR B 349 15.74 -3.06 30.39
CA THR B 349 16.63 -2.16 31.12
C THR B 349 17.75 -2.99 31.74
N PRO B 350 18.94 -3.05 31.11
CA PRO B 350 20.09 -3.87 31.50
C PRO B 350 20.95 -3.20 32.58
N PRO B 377 21.12 -8.88 37.74
CA PRO B 377 22.10 -9.95 37.62
C PRO B 377 21.45 -11.32 37.60
N GLU B 378 22.28 -12.36 37.56
CA GLU B 378 21.77 -13.73 37.67
C GLU B 378 21.14 -13.97 39.04
N GLN B 379 21.75 -13.43 40.10
CA GLN B 379 21.16 -13.53 41.45
C GLN B 379 19.71 -13.05 41.46
N TYR B 380 19.43 -11.97 40.71
CA TYR B 380 18.06 -11.49 40.56
C TYR B 380 17.14 -12.61 40.09
N SER B 381 17.57 -13.40 39.10
CA SER B 381 16.76 -14.54 38.67
C SER B 381 16.33 -15.37 39.87
N LYS B 382 17.29 -15.68 40.75
CA LYS B 382 17.02 -16.55 41.90
C LYS B 382 16.01 -15.93 42.86
N ARG B 383 16.22 -14.67 43.25
CA ARG B 383 15.27 -14.04 44.18
C ARG B 383 13.88 -13.93 43.54
N PHE B 384 13.82 -13.54 42.27
CA PHE B 384 12.56 -13.46 41.54
C PHE B 384 11.80 -14.78 41.55
N ASN B 385 12.45 -15.86 41.11
CA ASN B 385 11.75 -17.13 41.00
C ASN B 385 11.31 -17.64 42.37
N GLU B 386 12.16 -17.47 43.40
CA GLU B 386 11.74 -17.87 44.75
C GLU B 386 10.54 -17.08 45.23
N PHE B 387 10.55 -15.76 44.99
CA PHE B 387 9.44 -14.89 45.37
C PHE B 387 8.15 -15.40 44.73
N MET B 388 8.13 -15.46 43.40
CA MET B 388 6.91 -15.86 42.72
C MET B 388 6.49 -17.27 43.10
N SER B 389 7.46 -18.11 43.46
CA SER B 389 7.17 -19.51 43.76
C SER B 389 6.13 -19.68 44.87
N ASN B 390 6.11 -18.80 45.86
CA ASN B 390 5.34 -19.02 47.08
C ASN B 390 3.91 -18.50 47.00
N ILE B 391 3.25 -18.57 45.84
CA ILE B 391 1.86 -18.08 45.69
C ILE B 391 0.99 -19.13 44.99
N LEU B 392 0.12 -19.81 45.76
CA LEU B 392 -0.81 -20.87 45.31
C LEU B 392 -1.42 -21.55 46.55
#